data_6M82
#
_entry.id   6M82
#
_cell.length_a   64.556
_cell.length_b   91.574
_cell.length_c   93.386
_cell.angle_alpha   90.000
_cell.angle_beta   90.000
_cell.angle_gamma   90.000
#
_symmetry.space_group_name_H-M   'I 2 2 2'
#
loop_
_entity.id
_entity.type
_entity.pdbx_description
1 polymer 'dTDP-3-amino-3,6-dideoxy-alpha-D-glucopyranose N,N-dimethyltransferase'
2 non-polymer S-ADENOSYL-L-HOMOCYSTEINE
3 non-polymer "5'-O-[(S)-hydroxy{[(S)-hydroxy(phenoxy)phosphoryl]oxy}phosphoryl]thymidine"
4 non-polymer 1,2-ETHANEDIOL
5 water water
#
_entity_poly.entity_id   1
_entity_poly.type   'polypeptide(L)'
_entity_poly.pdbx_seq_one_letter_code
;MAHSSATAGPQAD(HOX)SGEIAELYDLVHQGKGKDYHREAADLAALVRRHSPKAASLLDVACGTGMHLRHLADSFGTVE
GLELSADMLAIARRRNPDAVLHHGDMRDFSLGRRFSAVTCMFSSIGHLAGQAELDAALERFAAHVLPDGVVVVEPWWFPE
NFTPGYVAAGTVEAGGTTVTRVSHSSREGEATRIEVHYLVAGPDRGITHHEESHRITLFTREQYERAFTAAGLSVEFMPG
GPSGRGLFTGLPGAKGETRLEHHHHHH
;
_entity_poly.pdbx_strand_id   A
#
loop_
_chem_comp.id
_chem_comp.type
_chem_comp.name
_chem_comp.formula
EDO non-polymer 1,2-ETHANEDIOL 'C2 H6 O2'
SAH non-polymer S-ADENOSYL-L-HOMOCYSTEINE 'C14 H20 N6 O5 S'
TLO non-polymer 5'-O-[(S)-hydroxy{[(S)-hydroxy(phenoxy)phosphoryl]oxy}phosphoryl]thymidine 'C16 H20 N2 O11 P2'
#
# COMPACT_ATOMS: atom_id res chain seq x y z
N ASP A 13 6.09 -12.09 -2.26
CA ASP A 13 4.73 -12.40 -1.87
C ASP A 13 4.52 -12.16 -0.37
O HOX A 14 0.48 -12.79 1.79
C HOX A 14 1.75 -12.93 1.76
N HOX A 14 3.25 -12.26 0.05
CA HOX A 14 2.72 -11.83 1.34
CB HOX A 14 1.87 -10.54 1.23
CG HOX A 14 2.72 -9.31 1.07
CZ HOX A 14 4.32 -6.98 0.76
NZ HOX A 14 5.08 -5.85 0.63
CD1 HOX A 14 3.27 -8.97 -0.17
CD2 HOX A 14 2.98 -8.47 2.16
CE1 HOX A 14 4.07 -7.84 -0.33
CE2 HOX A 14 3.77 -7.33 2.01
N SER A 15 2.35 -14.11 2.00
CA SER A 15 1.58 -15.31 2.31
C SER A 15 1.92 -15.90 3.66
N GLY A 16 1.03 -16.73 4.18
CA GLY A 16 1.38 -17.55 5.34
C GLY A 16 1.57 -16.66 6.55
N GLU A 17 2.69 -16.87 7.26
CA GLU A 17 3.02 -16.10 8.46
C GLU A 17 3.28 -14.64 8.17
N ILE A 18 3.80 -14.30 6.97
CA ILE A 18 4.03 -12.89 6.64
C ILE A 18 2.73 -12.15 6.78
N ALA A 19 1.67 -12.72 6.18
CA ALA A 19 0.39 -12.06 6.22
C ALA A 19 -0.14 -12.03 7.64
N GLU A 20 0.01 -13.14 8.39
CA GLU A 20 -0.59 -13.20 9.71
C GLU A 20 0.07 -12.23 10.68
N LEU A 21 1.33 -11.89 10.46
CA LEU A 21 2.08 -11.02 11.35
C LEU A 21 1.99 -9.56 10.97
N TYR A 22 1.49 -9.27 9.75
CA TYR A 22 1.63 -7.94 9.15
C TYR A 22 1.04 -6.85 10.05
N ASP A 23 -0.20 -7.08 10.54
CA ASP A 23 -0.84 -5.99 11.28
C ASP A 23 -0.16 -5.73 12.62
N LEU A 24 0.23 -6.81 13.31
CA LEU A 24 0.91 -6.65 14.59
C LEU A 24 2.23 -5.94 14.40
N VAL A 25 2.98 -6.28 13.35
CA VAL A 25 4.26 -5.62 13.21
CA VAL A 25 4.27 -5.64 13.07
C VAL A 25 4.08 -4.14 12.87
N HIS A 26 3.08 -3.78 12.08
CA HIS A 26 2.90 -2.35 11.79
C HIS A 26 2.26 -1.58 12.95
N GLN A 27 1.46 -2.25 13.79
CA GLN A 27 1.03 -1.63 15.04
C GLN A 27 2.23 -1.31 15.93
N GLY A 28 3.16 -2.27 16.06
CA GLY A 28 4.32 -2.05 16.88
C GLY A 28 5.23 -0.96 16.35
N LYS A 29 5.26 -0.78 15.04
CA LYS A 29 5.99 0.32 14.41
C LYS A 29 5.26 1.66 14.54
N GLY A 30 4.04 1.67 15.09
CA GLY A 30 3.28 2.90 15.31
C GLY A 30 2.56 3.42 14.09
N LYS A 31 2.32 2.58 13.07
CA LYS A 31 1.59 3.07 11.90
C LYS A 31 0.15 3.33 12.28
N ASP A 32 -0.35 4.54 11.99
CA ASP A 32 -1.68 4.93 12.45
C ASP A 32 -2.61 4.98 11.24
N TYR A 33 -3.22 3.83 10.94
CA TYR A 33 -4.11 3.79 9.78
C TYR A 33 -5.36 4.63 9.97
N HIS A 34 -5.77 4.84 11.21
CA HIS A 34 -6.96 5.64 11.45
C HIS A 34 -6.72 7.09 11.04
N ARG A 35 -5.61 7.66 11.50
CA ARG A 35 -5.27 9.01 11.10
C ARG A 35 -4.97 9.11 9.61
N GLU A 36 -4.26 8.12 9.02
CA GLU A 36 -4.02 8.16 7.60
C GLU A 36 -5.35 8.12 6.83
N ALA A 37 -6.31 7.30 7.27
CA ALA A 37 -7.59 7.24 6.57
C ALA A 37 -8.36 8.54 6.70
N ALA A 38 -8.38 9.16 7.90
CA ALA A 38 -9.08 10.44 8.03
C ALA A 38 -8.45 11.47 7.10
N ASP A 39 -7.11 11.50 7.04
CA ASP A 39 -6.42 12.42 6.13
C ASP A 39 -6.79 12.15 4.67
N LEU A 40 -6.78 10.87 4.28
CA LEU A 40 -7.16 10.49 2.92
CA LEU A 40 -7.15 10.48 2.92
C LEU A 40 -8.57 10.90 2.60
N ALA A 41 -9.53 10.63 3.53
CA ALA A 41 -10.93 10.98 3.27
C ALA A 41 -11.08 12.47 3.07
N ALA A 42 -10.38 13.28 3.88
CA ALA A 42 -10.47 14.73 3.72
C ALA A 42 -9.82 15.16 2.41
N LEU A 43 -8.71 14.53 2.02
CA LEU A 43 -8.08 14.86 0.73
C LEU A 43 -9.03 14.57 -0.45
N VAL A 44 -9.71 13.43 -0.41
CA VAL A 44 -10.66 13.08 -1.47
C VAL A 44 -11.77 14.13 -1.53
N ARG A 45 -12.33 14.49 -0.37
CA ARG A 45 -13.48 15.42 -0.33
C ARG A 45 -13.06 16.83 -0.71
N ARG A 46 -11.78 17.15 -0.52
CA ARG A 46 -11.27 18.44 -0.96
C ARG A 46 -11.46 18.58 -2.47
N HIS A 47 -11.21 17.51 -3.24
CA HIS A 47 -11.37 17.54 -4.69
C HIS A 47 -12.77 17.17 -5.16
N SER A 48 -13.47 16.31 -4.43
CA SER A 48 -14.78 15.81 -4.85
C SER A 48 -15.67 15.94 -3.63
N PRO A 49 -16.36 17.09 -3.47
CA PRO A 49 -17.15 17.30 -2.24
C PRO A 49 -18.22 16.29 -2.03
N LYS A 50 -18.82 15.75 -3.11
CA LYS A 50 -19.89 14.79 -3.00
C LYS A 50 -19.38 13.37 -3.08
N ALA A 51 -18.07 13.16 -2.91
CA ALA A 51 -17.50 11.81 -3.06
C ALA A 51 -18.24 10.84 -2.16
N ALA A 52 -18.60 9.67 -2.71
CA ALA A 52 -19.28 8.65 -1.92
C ALA A 52 -18.66 7.28 -2.09
N SER A 53 -17.58 7.13 -2.89
CA SER A 53 -17.03 5.79 -3.12
C SER A 53 -15.52 5.82 -3.24
N LEU A 54 -14.88 4.71 -2.86
CA LEU A 54 -13.40 4.66 -2.87
C LEU A 54 -12.99 3.24 -3.19
N LEU A 55 -11.95 3.09 -4.04
CA LEU A 55 -11.34 1.78 -4.31
C LEU A 55 -9.90 1.83 -3.82
N ASP A 56 -9.53 0.94 -2.88
CA ASP A 56 -8.15 0.85 -2.37
C ASP A 56 -7.48 -0.34 -3.06
N VAL A 57 -6.52 -0.03 -3.91
CA VAL A 57 -5.78 -1.00 -4.70
C VAL A 57 -4.55 -1.45 -3.92
N ALA A 58 -4.29 -2.75 -3.91
CA ALA A 58 -3.25 -3.36 -3.07
C ALA A 58 -3.57 -3.07 -1.60
N CYS A 59 -4.84 -3.36 -1.24
CA CYS A 59 -5.38 -2.99 0.08
C CYS A 59 -4.81 -3.82 1.19
N GLY A 60 -4.05 -4.86 0.89
CA GLY A 60 -3.40 -5.60 1.98
C GLY A 60 -4.44 -6.19 2.90
N THR A 61 -4.24 -5.98 4.22
CA THR A 61 -5.14 -6.50 5.24
C THR A 61 -6.35 -5.58 5.48
N GLY A 62 -6.55 -4.56 4.64
CA GLY A 62 -7.80 -3.80 4.72
C GLY A 62 -7.91 -2.87 5.90
N MET A 63 -6.77 -2.43 6.47
CA MET A 63 -6.77 -1.48 7.59
C MET A 63 -7.28 -0.10 7.18
N HIS A 64 -6.75 0.46 6.07
CA HIS A 64 -7.29 1.73 5.61
C HIS A 64 -8.77 1.61 5.29
N LEU A 65 -9.15 0.53 4.60
CA LEU A 65 -10.55 0.40 4.19
C LEU A 65 -11.50 0.40 5.39
N ARG A 66 -11.11 -0.30 6.47
CA ARG A 66 -11.98 -0.38 7.63
C ARG A 66 -12.31 1.01 8.17
N HIS A 67 -11.32 1.91 8.20
CA HIS A 67 -11.60 3.27 8.63
C HIS A 67 -12.29 4.09 7.55
N LEU A 68 -11.91 3.92 6.27
CA LEU A 68 -12.56 4.69 5.19
C LEU A 68 -14.04 4.36 5.08
N ALA A 69 -14.44 3.15 5.48
CA ALA A 69 -15.87 2.78 5.45
C ALA A 69 -16.71 3.61 6.39
N ASP A 70 -16.10 4.27 7.37
CA ASP A 70 -16.87 5.11 8.28
C ASP A 70 -17.24 6.42 7.63
N SER A 71 -16.57 6.76 6.55
CA SER A 71 -16.66 8.01 5.84
C SER A 71 -17.33 7.90 4.48
N PHE A 72 -17.16 6.79 3.76
CA PHE A 72 -17.71 6.63 2.40
C PHE A 72 -18.70 5.50 2.39
N GLY A 73 -19.85 5.74 1.73
CA GLY A 73 -20.89 4.74 1.69
C GLY A 73 -20.50 3.49 0.93
N THR A 74 -19.58 3.59 -0.04
CA THR A 74 -19.12 2.41 -0.80
C THR A 74 -17.60 2.40 -0.72
N VAL A 75 -17.00 1.36 -0.12
CA VAL A 75 -15.57 1.15 -0.28
C VAL A 75 -15.36 -0.25 -0.81
N GLU A 76 -14.45 -0.38 -1.76
CA GLU A 76 -14.05 -1.67 -2.29
C GLU A 76 -12.55 -1.77 -2.29
N GLY A 77 -12.03 -3.00 -2.40
CA GLY A 77 -10.59 -3.23 -2.44
C GLY A 77 -10.19 -4.13 -3.58
N LEU A 78 -8.91 -4.07 -3.92
CA LEU A 78 -8.31 -5.01 -4.88
C LEU A 78 -7.01 -5.49 -4.27
N GLU A 79 -6.77 -6.80 -4.27
CA GLU A 79 -5.55 -7.32 -3.65
C GLU A 79 -5.18 -8.62 -4.36
N LEU A 80 -3.89 -8.79 -4.61
CA LEU A 80 -3.42 -9.99 -5.33
C LEU A 80 -3.05 -11.15 -4.40
N SER A 81 -2.68 -10.87 -3.16
CA SER A 81 -2.39 -11.94 -2.21
C SER A 81 -3.68 -12.48 -1.61
N ALA A 82 -4.02 -13.76 -1.85
CA ALA A 82 -5.20 -14.35 -1.22
C ALA A 82 -5.11 -14.31 0.31
N ASP A 83 -3.90 -14.52 0.87
CA ASP A 83 -3.79 -14.53 2.33
C ASP A 83 -4.00 -13.15 2.94
N MET A 84 -3.46 -12.09 2.30
CA MET A 84 -3.75 -10.73 2.78
C MET A 84 -5.24 -10.44 2.62
N LEU A 85 -5.82 -10.83 1.46
CA LEU A 85 -7.21 -10.51 1.19
C LEU A 85 -8.14 -11.22 2.16
N ALA A 86 -7.75 -12.43 2.60
CA ALA A 86 -8.58 -13.15 3.57
C ALA A 86 -8.70 -12.37 4.86
N ILE A 87 -7.60 -11.77 5.32
CA ILE A 87 -7.64 -10.93 6.53
C ILE A 87 -8.47 -9.69 6.28
N ALA A 88 -8.30 -9.06 5.11
CA ALA A 88 -9.09 -7.87 4.79
C ALA A 88 -10.58 -8.16 4.77
N ARG A 89 -10.98 -9.31 4.23
CA ARG A 89 -12.41 -9.62 4.15
C ARG A 89 -13.01 -9.85 5.53
N ARG A 90 -12.26 -10.50 6.43
CA ARG A 90 -12.72 -10.68 7.80
C ARG A 90 -12.88 -9.33 8.49
N ARG A 91 -11.93 -8.40 8.23
CA ARG A 91 -11.97 -7.11 8.88
C ARG A 91 -13.10 -6.25 8.31
N ASN A 92 -13.46 -6.48 7.03
CA ASN A 92 -14.46 -5.69 6.33
C ASN A 92 -15.53 -6.61 5.77
N PRO A 93 -16.34 -7.22 6.63
CA PRO A 93 -17.25 -8.27 6.15
C PRO A 93 -18.36 -7.75 5.25
N ASP A 94 -18.70 -6.47 5.34
CA ASP A 94 -19.80 -5.91 4.55
C ASP A 94 -19.32 -5.25 3.26
N ALA A 95 -18.03 -5.29 2.99
CA ALA A 95 -17.45 -4.64 1.81
C ALA A 95 -17.14 -5.68 0.74
N VAL A 96 -17.19 -5.27 -0.51
CA VAL A 96 -16.80 -6.11 -1.63
C VAL A 96 -15.30 -5.91 -1.88
N LEU A 97 -14.53 -6.94 -1.61
CA LEU A 97 -13.08 -6.88 -1.80
CA LEU A 97 -13.08 -6.88 -1.80
C LEU A 97 -12.71 -7.90 -2.86
N HIS A 98 -12.10 -7.44 -3.96
CA HIS A 98 -11.81 -8.24 -5.14
C HIS A 98 -10.41 -8.82 -5.12
N HIS A 99 -10.30 -10.06 -5.60
CA HIS A 99 -9.00 -10.65 -5.82
C HIS A 99 -8.56 -10.29 -7.23
N GLY A 100 -7.38 -9.71 -7.37
CA GLY A 100 -6.87 -9.39 -8.68
C GLY A 100 -5.63 -8.53 -8.64
N ASP A 101 -5.20 -8.14 -9.85
CA ASP A 101 -3.87 -7.60 -10.13
C ASP A 101 -3.99 -6.14 -10.57
N MET A 102 -3.27 -5.22 -9.87
CA MET A 102 -3.35 -3.78 -10.18
C MET A 102 -2.89 -3.45 -11.58
N ARG A 103 -2.10 -4.34 -12.22
CA ARG A 103 -1.67 -4.06 -13.58
C ARG A 103 -2.77 -4.27 -14.61
N ASP A 104 -3.80 -5.04 -14.29
CA ASP A 104 -4.79 -5.43 -15.32
C ASP A 104 -5.97 -6.00 -14.59
N PHE A 105 -6.92 -5.14 -14.26
CA PHE A 105 -8.18 -5.51 -13.65
C PHE A 105 -9.29 -4.65 -14.24
N SER A 106 -10.53 -5.11 -14.07
CA SER A 106 -11.68 -4.34 -14.58
CA SER A 106 -11.69 -4.35 -14.59
C SER A 106 -12.89 -4.63 -13.71
N LEU A 107 -13.34 -3.61 -12.99
CA LEU A 107 -14.46 -3.79 -12.08
C LEU A 107 -15.79 -3.38 -12.67
N GLY A 108 -15.78 -2.68 -13.81
CA GLY A 108 -17.00 -2.29 -14.50
C GLY A 108 -17.70 -1.10 -13.87
N ARG A 109 -17.06 -0.39 -12.94
CA ARG A 109 -17.60 0.83 -12.34
C ARG A 109 -16.44 1.73 -11.97
N ARG A 110 -16.74 2.98 -11.69
CA ARG A 110 -15.76 3.95 -11.27
C ARG A 110 -16.04 4.43 -9.85
N PHE A 111 -15.04 5.10 -9.25
CA PHE A 111 -15.08 5.49 -7.84
C PHE A 111 -14.62 6.91 -7.69
N SER A 112 -15.03 7.54 -6.57
CA SER A 112 -14.61 8.91 -6.32
C SER A 112 -13.10 8.99 -6.17
N ALA A 113 -12.49 7.94 -5.61
CA ALA A 113 -11.06 7.93 -5.40
C ALA A 113 -10.55 6.53 -5.70
N VAL A 114 -9.32 6.46 -6.24
CA VAL A 114 -8.59 5.20 -6.38
C VAL A 114 -7.28 5.42 -5.64
N THR A 115 -7.05 4.63 -4.58
CA THR A 115 -5.87 4.83 -3.73
C THR A 115 -4.95 3.64 -3.83
N CYS A 116 -3.65 3.89 -3.67
CA CYS A 116 -2.67 2.79 -3.62
C CYS A 116 -1.60 3.21 -2.64
N MET A 117 -1.67 2.66 -1.42
CA MET A 117 -0.97 3.18 -0.26
C MET A 117 0.25 2.34 0.12
N PHE A 118 1.16 3.01 0.84
CA PHE A 118 2.28 2.39 1.56
C PHE A 118 3.25 1.73 0.58
N SER A 119 3.46 2.37 -0.59
CA SER A 119 4.50 2.00 -1.56
C SER A 119 4.27 0.65 -2.23
N SER A 120 3.02 0.18 -2.22
CA SER A 120 2.70 -1.02 -2.96
C SER A 120 3.04 -0.90 -4.43
N ILE A 121 2.97 0.31 -4.98
CA ILE A 121 3.30 0.55 -6.38
C ILE A 121 4.74 0.16 -6.67
N GLY A 122 5.61 0.08 -5.64
CA GLY A 122 6.98 -0.33 -5.91
C GLY A 122 7.16 -1.81 -6.21
N HIS A 123 6.11 -2.61 -6.07
CA HIS A 123 6.18 -4.00 -6.48
C HIS A 123 6.04 -4.17 -7.98
N LEU A 124 5.78 -3.10 -8.72
CA LEU A 124 5.80 -3.12 -10.18
C LEU A 124 7.23 -3.04 -10.68
N ALA A 125 7.49 -3.71 -11.81
CA ALA A 125 8.86 -4.03 -12.20
C ALA A 125 9.58 -2.97 -13.03
N GLY A 126 8.87 -2.12 -13.76
CA GLY A 126 9.47 -1.09 -14.59
C GLY A 126 8.39 -0.18 -15.18
N GLN A 127 8.77 0.62 -16.18
CA GLN A 127 7.87 1.67 -16.67
C GLN A 127 6.59 1.11 -17.28
N ALA A 128 6.69 0.01 -18.03
CA ALA A 128 5.47 -0.49 -18.68
C ALA A 128 4.44 -0.94 -17.66
N GLU A 129 4.87 -1.58 -16.58
CA GLU A 129 3.92 -2.00 -15.56
C GLU A 129 3.38 -0.80 -14.80
N LEU A 130 4.24 0.17 -14.50
CA LEU A 130 3.79 1.38 -13.81
C LEU A 130 2.74 2.10 -14.65
N ASP A 131 3.03 2.27 -15.94
CA ASP A 131 2.07 2.93 -16.83
C ASP A 131 0.76 2.15 -16.88
N ALA A 132 0.84 0.81 -16.95
CA ALA A 132 -0.38 0.00 -17.03
C ALA A 132 -1.23 0.15 -15.77
N ALA A 133 -0.61 0.13 -14.58
CA ALA A 133 -1.37 0.32 -13.35
C ALA A 133 -2.02 1.71 -13.33
N LEU A 134 -1.27 2.77 -13.67
CA LEU A 134 -1.87 4.10 -13.61
C LEU A 134 -3.04 4.22 -14.59
N GLU A 135 -2.92 3.59 -15.77
CA GLU A 135 -4.06 3.62 -16.71
C GLU A 135 -5.27 2.90 -16.12
N ARG A 136 -5.05 1.76 -15.45
CA ARG A 136 -6.18 1.11 -14.75
C ARG A 136 -6.75 1.99 -13.67
N PHE A 137 -5.91 2.74 -12.94
CA PHE A 137 -6.46 3.61 -11.90
C PHE A 137 -7.33 4.71 -12.54
N ALA A 138 -6.82 5.34 -13.58
CA ALA A 138 -7.61 6.36 -14.29
C ALA A 138 -8.89 5.79 -14.88
N ALA A 139 -8.87 4.51 -15.31
CA ALA A 139 -10.04 3.83 -15.87
C ALA A 139 -11.09 3.57 -14.81
N HIS A 140 -10.74 3.68 -13.53
CA HIS A 140 -11.66 3.43 -12.42
C HIS A 140 -11.98 4.65 -11.59
N VAL A 141 -11.57 5.86 -12.02
CA VAL A 141 -11.84 7.06 -11.21
C VAL A 141 -12.90 7.92 -11.94
N LEU A 142 -13.73 8.60 -11.15
CA LEU A 142 -14.73 9.54 -11.69
C LEU A 142 -14.08 10.88 -12.07
N PRO A 143 -14.78 11.70 -12.88
CA PRO A 143 -14.14 12.91 -13.44
C PRO A 143 -13.74 13.96 -12.44
N ASP A 144 -14.47 14.14 -11.33
CA ASP A 144 -14.05 15.06 -10.27
C ASP A 144 -13.26 14.39 -9.19
N GLY A 145 -12.92 13.09 -9.37
CA GLY A 145 -12.28 12.32 -8.33
C GLY A 145 -10.78 12.47 -8.37
N VAL A 146 -10.12 11.59 -7.63
CA VAL A 146 -8.68 11.72 -7.48
C VAL A 146 -8.05 10.34 -7.39
N VAL A 147 -6.90 10.20 -8.02
CA VAL A 147 -6.05 9.01 -7.87
C VAL A 147 -4.93 9.37 -6.90
N VAL A 148 -4.68 8.52 -5.89
CA VAL A 148 -3.69 8.79 -4.85
C VAL A 148 -2.71 7.63 -4.82
N VAL A 149 -1.43 7.92 -5.02
CA VAL A 149 -0.41 6.86 -4.99
C VAL A 149 0.69 7.28 -4.02
N GLU A 150 0.95 6.45 -3.02
CA GLU A 150 2.06 6.70 -2.12
C GLU A 150 3.29 5.98 -2.69
N PRO A 151 4.30 6.69 -3.18
CA PRO A 151 5.39 6.03 -3.91
C PRO A 151 6.35 5.34 -2.94
N TRP A 152 7.23 4.51 -3.53
CA TRP A 152 8.45 4.13 -2.82
C TRP A 152 9.42 5.32 -2.84
N TRP A 153 10.55 5.18 -2.12
CA TRP A 153 11.59 6.20 -2.15
C TRP A 153 12.09 6.44 -3.58
N PHE A 154 12.45 7.71 -3.86
CA PHE A 154 13.17 7.97 -5.07
C PHE A 154 14.64 7.59 -4.86
N PRO A 155 15.34 7.25 -5.94
CA PRO A 155 16.77 6.87 -5.76
C PRO A 155 17.57 7.86 -4.94
N GLU A 156 17.38 9.17 -5.17
CA GLU A 156 18.18 10.16 -4.45
CA GLU A 156 18.18 10.16 -4.45
C GLU A 156 17.90 10.17 -2.95
N ASN A 157 16.77 9.61 -2.51
CA ASN A 157 16.43 9.63 -1.09
C ASN A 157 16.57 8.28 -0.43
N PHE A 158 16.90 7.25 -1.18
CA PHE A 158 17.05 5.91 -0.63
C PHE A 158 18.30 5.82 0.23
N THR A 159 18.20 5.12 1.38
CA THR A 159 19.33 4.95 2.31
C THR A 159 19.81 3.51 2.30
N PRO A 160 20.81 3.15 1.48
CA PRO A 160 21.30 1.77 1.53
C PRO A 160 21.96 1.47 2.85
N GLY A 161 21.82 0.22 3.28
CA GLY A 161 22.39 -0.22 4.56
C GLY A 161 21.48 -0.03 5.75
N TYR A 162 20.26 0.44 5.55
CA TYR A 162 19.37 0.76 6.65
C TYR A 162 18.92 -0.53 7.37
N VAL A 163 19.02 -0.52 8.69
CA VAL A 163 18.59 -1.63 9.54
C VAL A 163 17.48 -1.12 10.45
N ALA A 164 16.35 -1.82 10.51
CA ALA A 164 15.27 -1.50 11.43
C ALA A 164 15.05 -2.72 12.31
N ALA A 165 14.89 -2.55 13.60
CA ALA A 165 14.62 -3.68 14.49
C ALA A 165 13.54 -3.25 15.48
N GLY A 166 12.61 -4.13 15.75
CA GLY A 166 11.60 -3.82 16.76
C GLY A 166 10.99 -5.11 17.32
N THR A 167 10.42 -5.01 18.52
CA THR A 167 9.77 -6.15 19.15
C THR A 167 8.40 -5.73 19.64
N VAL A 168 7.40 -6.57 19.45
CA VAL A 168 6.05 -6.28 19.94
C VAL A 168 5.49 -7.55 20.56
N GLU A 169 4.58 -7.39 21.49
CA GLU A 169 3.94 -8.52 22.13
C GLU A 169 2.43 -8.39 22.07
N ALA A 170 1.76 -9.50 21.81
CA ALA A 170 0.30 -9.44 21.93
C ALA A 170 -0.25 -10.83 22.16
N GLY A 171 -1.15 -10.96 23.13
CA GLY A 171 -1.83 -12.22 23.30
C GLY A 171 -0.99 -13.37 23.80
N GLY A 172 0.25 -13.09 24.28
CA GLY A 172 1.17 -14.13 24.68
C GLY A 172 2.24 -14.41 23.64
N THR A 173 2.14 -13.84 22.45
CA THR A 173 3.18 -14.01 21.45
C THR A 173 4.11 -12.80 21.42
N THR A 174 5.39 -13.06 21.35
CA THR A 174 6.42 -12.03 21.15
C THR A 174 6.94 -12.11 19.73
N VAL A 175 6.91 -11.01 19.00
CA VAL A 175 7.42 -10.98 17.63
C VAL A 175 8.53 -9.97 17.54
N THR A 176 9.71 -10.42 17.13
CA THR A 176 10.83 -9.55 16.83
CA THR A 176 10.82 -9.54 16.84
C THR A 176 11.02 -9.52 15.32
N ARG A 177 11.17 -8.37 14.78
CA ARG A 177 11.36 -8.21 13.34
C ARG A 177 12.62 -7.38 13.09
N VAL A 178 13.43 -7.80 12.14
CA VAL A 178 14.59 -7.02 11.71
C VAL A 178 14.55 -6.92 10.19
N SER A 179 14.71 -5.71 9.65
CA SER A 179 14.86 -5.57 8.20
C SER A 179 16.21 -4.96 7.83
N HIS A 180 16.68 -5.29 6.63
CA HIS A 180 17.90 -4.72 6.10
C HIS A 180 17.63 -4.34 4.64
N SER A 181 18.03 -3.14 4.21
CA SER A 181 17.76 -2.65 2.87
C SER A 181 19.06 -2.33 2.17
N SER A 182 19.17 -2.75 0.92
CA SER A 182 20.36 -2.48 0.12
C SER A 182 19.95 -2.15 -1.31
N ARG A 183 20.89 -1.61 -2.09
CA ARG A 183 20.64 -1.26 -3.47
C ARG A 183 21.04 -2.43 -4.35
N GLU A 184 20.14 -2.82 -5.24
CA GLU A 184 20.36 -3.91 -6.20
CA GLU A 184 20.46 -3.87 -6.23
C GLU A 184 19.96 -3.41 -7.58
N GLY A 185 20.85 -2.64 -8.25
CA GLY A 185 20.50 -2.12 -9.54
C GLY A 185 19.45 -1.05 -9.41
N GLU A 186 18.33 -1.20 -10.09
CA GLU A 186 17.30 -0.19 -10.06
C GLU A 186 16.24 -0.46 -9.02
N ALA A 187 16.57 -1.22 -7.99
CA ALA A 187 15.60 -1.59 -6.95
C ALA A 187 16.27 -1.64 -5.59
N THR A 188 15.44 -1.57 -4.56
CA THR A 188 15.87 -1.90 -3.19
C THR A 188 15.64 -3.37 -2.96
N ARG A 189 16.64 -4.08 -2.44
CA ARG A 189 16.47 -5.41 -1.90
C ARG A 189 16.21 -5.25 -0.40
N ILE A 190 15.05 -5.68 0.08
CA ILE A 190 14.77 -5.66 1.53
C ILE A 190 14.71 -7.09 2.00
N GLU A 191 15.54 -7.43 2.98
CA GLU A 191 15.48 -8.72 3.64
CA GLU A 191 15.49 -8.73 3.65
C GLU A 191 14.84 -8.51 5.00
N VAL A 192 13.89 -9.36 5.36
CA VAL A 192 13.21 -9.24 6.64
C VAL A 192 13.25 -10.59 7.35
N HIS A 193 13.69 -10.59 8.61
CA HIS A 193 13.64 -11.80 9.41
C HIS A 193 12.75 -11.57 10.63
N TYR A 194 12.10 -12.65 11.06
CA TYR A 194 11.28 -12.60 12.26
C TYR A 194 11.67 -13.72 13.19
N LEU A 195 11.57 -13.44 14.50
CA LEU A 195 11.52 -14.48 15.52
C LEU A 195 10.17 -14.36 16.20
N VAL A 196 9.42 -15.45 16.21
CA VAL A 196 8.07 -15.46 16.80
C VAL A 196 8.09 -16.47 17.93
N ALA A 197 7.79 -16.02 19.14
CA ALA A 197 7.99 -16.86 20.30
C ALA A 197 6.76 -16.85 21.19
N GLY A 198 6.56 -17.94 21.92
CA GLY A 198 5.51 -17.96 22.91
C GLY A 198 5.73 -19.12 23.85
N PRO A 199 5.00 -19.15 24.97
CA PRO A 199 5.29 -20.17 25.99
C PRO A 199 5.09 -21.59 25.46
N ASP A 200 4.05 -21.85 24.67
CA ASP A 200 3.90 -23.19 24.07
C ASP A 200 4.56 -23.28 22.70
N ARG A 201 4.49 -22.20 21.89
CA ARG A 201 5.02 -22.23 20.55
C ARG A 201 6.52 -22.59 20.54
N GLY A 202 7.27 -22.16 21.54
CA GLY A 202 8.72 -22.11 21.43
C GLY A 202 9.17 -20.91 20.63
N ILE A 203 10.17 -21.05 19.76
CA ILE A 203 10.67 -19.98 18.90
C ILE A 203 10.69 -20.46 17.48
N THR A 204 10.04 -19.71 16.58
CA THR A 204 10.15 -20.01 15.16
C THR A 204 10.77 -18.83 14.41
N HIS A 205 11.54 -19.13 13.38
CA HIS A 205 12.21 -18.15 12.57
C HIS A 205 11.60 -18.14 11.18
N HIS A 206 11.37 -16.93 10.65
CA HIS A 206 10.81 -16.76 9.32
C HIS A 206 11.63 -15.72 8.59
N GLU A 207 11.63 -15.83 7.27
CA GLU A 207 12.35 -14.84 6.49
C GLU A 207 11.61 -14.53 5.20
N GLU A 208 11.84 -13.33 4.70
CA GLU A 208 11.28 -12.92 3.44
C GLU A 208 12.19 -11.90 2.78
N SER A 209 12.01 -11.76 1.47
CA SER A 209 12.84 -10.87 0.69
C SER A 209 11.97 -10.22 -0.37
N HIS A 210 12.15 -8.91 -0.56
CA HIS A 210 11.40 -8.19 -1.59
C HIS A 210 12.38 -7.41 -2.46
N ARG A 211 11.99 -7.21 -3.71
CA ARG A 211 12.67 -6.29 -4.61
C ARG A 211 11.66 -5.18 -4.89
N ILE A 212 11.95 -3.95 -4.45
CA ILE A 212 11.02 -2.82 -4.59
C ILE A 212 11.67 -1.78 -5.50
N THR A 213 10.97 -1.45 -6.60
CA THR A 213 11.62 -0.67 -7.64
C THR A 213 11.82 0.77 -7.22
N LEU A 214 13.02 1.31 -7.50
CA LEU A 214 13.37 2.70 -7.20
C LEU A 214 12.99 3.58 -8.41
N PHE A 215 11.70 3.75 -8.65
CA PHE A 215 11.26 4.66 -9.71
C PHE A 215 11.67 6.09 -9.36
N THR A 216 12.09 6.86 -10.37
CA THR A 216 12.33 8.27 -10.12
C THR A 216 10.99 9.04 -10.09
N ARG A 217 11.06 10.26 -9.54
CA ARG A 217 9.87 11.12 -9.53
C ARG A 217 9.32 11.33 -10.94
N GLU A 218 10.21 11.54 -11.92
CA GLU A 218 9.82 11.73 -13.31
C GLU A 218 9.10 10.50 -13.86
N GLN A 219 9.52 9.30 -13.45
CA GLN A 219 8.86 8.09 -13.93
C GLN A 219 7.43 8.01 -13.43
N TYR A 220 7.20 8.31 -12.15
CA TYR A 220 5.82 8.40 -11.67
C TYR A 220 5.03 9.45 -12.45
N GLU A 221 5.64 10.62 -12.66
CA GLU A 221 4.93 11.69 -13.36
C GLU A 221 4.54 11.25 -14.77
N ARG A 222 5.44 10.54 -15.45
CA ARG A 222 5.17 10.07 -16.80
C ARG A 222 4.00 9.10 -16.81
N ALA A 223 3.92 8.21 -15.79
CA ALA A 223 2.83 7.24 -15.75
C ALA A 223 1.49 7.94 -15.55
N PHE A 224 1.44 8.89 -14.60
CA PHE A 224 0.22 9.68 -14.41
C PHE A 224 -0.19 10.39 -15.71
N THR A 225 0.75 11.08 -16.36
CA THR A 225 0.44 11.85 -17.57
C THR A 225 -0.06 10.94 -18.69
N ALA A 226 0.57 9.77 -18.85
CA ALA A 226 0.14 8.87 -19.92
C ALA A 226 -1.25 8.29 -19.67
N ALA A 227 -1.71 8.29 -18.42
CA ALA A 227 -3.05 7.86 -18.05
C ALA A 227 -4.08 8.99 -18.18
N GLY A 228 -3.66 10.20 -18.56
CA GLY A 228 -4.58 11.32 -18.68
C GLY A 228 -4.80 12.07 -17.40
N LEU A 229 -3.94 11.90 -16.42
CA LEU A 229 -4.10 12.53 -15.12
C LEU A 229 -3.10 13.65 -14.95
N SER A 230 -3.53 14.74 -14.34
CA SER A 230 -2.61 15.81 -13.95
C SER A 230 -2.06 15.52 -12.57
N VAL A 231 -0.74 15.63 -12.41
CA VAL A 231 -0.05 15.03 -11.26
C VAL A 231 0.62 16.09 -10.39
N GLU A 232 0.52 15.86 -9.09
CA GLU A 232 1.11 16.72 -8.07
C GLU A 232 1.80 15.84 -7.03
N PHE A 233 2.98 16.25 -6.59
CA PHE A 233 3.69 15.56 -5.52
C PHE A 233 3.70 16.44 -4.26
N MET A 234 3.38 15.82 -3.13
CA MET A 234 3.45 16.48 -1.83
C MET A 234 4.50 15.76 -1.02
N PRO A 235 5.58 16.42 -0.56
CA PRO A 235 6.60 15.74 0.24
C PRO A 235 6.09 15.39 1.64
N GLY A 236 6.80 14.46 2.29
CA GLY A 236 6.46 14.06 3.66
C GLY A 236 5.50 12.90 3.66
N GLY A 237 4.20 13.16 3.69
CA GLY A 237 3.25 12.09 3.45
C GLY A 237 3.19 11.16 4.64
N PRO A 238 2.43 10.07 4.52
CA PRO A 238 2.24 9.20 5.69
C PRO A 238 3.51 8.48 6.14
N SER A 239 4.49 8.28 5.26
CA SER A 239 5.66 7.48 5.59
C SER A 239 6.98 8.17 5.31
N GLY A 240 7.00 9.48 5.06
CA GLY A 240 8.25 10.12 4.70
C GLY A 240 8.53 10.11 3.22
N ARG A 241 7.77 9.38 2.43
CA ARG A 241 8.03 9.18 1.02
C ARG A 241 7.17 10.11 0.17
N GLY A 242 6.38 10.97 0.80
CA GLY A 242 5.50 11.85 0.04
C GLY A 242 4.26 11.13 -0.45
N LEU A 243 3.55 11.81 -1.35
CA LEU A 243 2.31 11.31 -1.88
C LEU A 243 2.08 11.97 -3.23
N PHE A 244 1.66 11.18 -4.23
CA PHE A 244 1.23 11.72 -5.51
C PHE A 244 -0.28 11.75 -5.59
N THR A 245 -0.82 12.86 -6.12
CA THR A 245 -2.22 12.88 -6.47
C THR A 245 -2.39 13.18 -7.95
N GLY A 246 -3.47 12.65 -8.51
CA GLY A 246 -3.73 12.91 -9.91
C GLY A 246 -5.21 13.09 -10.20
N LEU A 247 -5.53 14.09 -11.05
CA LEU A 247 -6.92 14.42 -11.32
C LEU A 247 -7.18 14.21 -12.81
N PRO A 248 -8.30 13.61 -13.20
CA PRO A 248 -8.54 13.39 -14.63
C PRO A 248 -8.81 14.70 -15.36
N GLY A 249 -8.33 14.74 -16.60
CA GLY A 249 -8.59 15.89 -17.48
C GLY A 249 -7.32 16.65 -17.79
N SAH B . -1.86 -0.84 1.23
CA SAH B . -1.62 -1.80 2.32
CB SAH B . -0.67 -2.93 1.95
CG SAH B . 0.73 -2.51 1.55
SD SAH B . 1.87 -3.95 1.47
C SAH B . -1.18 -1.07 3.59
O SAH B . -1.10 0.17 3.55
OXT SAH B . -0.92 -1.76 4.61
C5' SAH B . 1.89 -4.20 -0.32
C4' SAH B . 0.65 -4.89 -0.88
O4' SAH B . 0.74 -4.87 -2.32
C3' SAH B . 0.55 -6.39 -0.50
O3' SAH B . -0.73 -6.63 0.11
C2' SAH B . 0.73 -7.09 -1.85
O2' SAH B . 0.11 -8.35 -1.91
C1' SAH B . 0.10 -6.06 -2.77
N9 SAH B . 0.48 -6.24 -4.17
C8 SAH B . 1.74 -6.38 -4.70
N7 SAH B . 1.66 -6.46 -6.04
C5 SAH B . 0.35 -6.36 -6.39
C6 SAH B . -0.31 -6.31 -7.61
N6 SAH B . 0.27 -6.47 -8.80
N1 SAH B . -1.67 -6.18 -7.56
C2 SAH B . -2.37 -6.04 -6.38
N3 SAH B . -1.74 -6.06 -5.17
C4 SAH B . -0.40 -6.20 -5.21
N1 TLO C . 14.46 4.50 3.99
C2 TLO C . 14.99 5.31 2.96
O2 TLO C . 15.22 4.75 1.87
N3 TLO C . 15.24 6.62 3.14
C4 TLO C . 15.02 7.15 4.38
O4 TLO C . 15.25 8.37 4.55
C5 TLO C . 14.52 6.36 5.42
C6 TLO C . 14.24 5.01 5.22
PA TLO C . 11.36 -0.54 7.42
PB TLO C . 8.66 -0.40 6.14
CG TLO C . 8.35 -2.90 5.42
CZ TLO C . 8.41 -4.83 3.38
C1' TLO C . 14.13 3.09 3.65
O1A TLO C . 11.52 -2.04 7.71
O1B TLO C . 8.19 -0.05 4.75
C2' TLO C . 15.01 2.07 4.31
O2A TLO C . 11.02 0.49 8.54
O2B TLO C . 8.11 0.51 7.25
C3' TLO C . 14.06 0.90 4.43
O3' TLO C . 13.99 0.27 3.15
O3A TLO C . 10.30 -0.32 6.21
O3B TLO C . 8.32 -1.95 6.43
C4' TLO C . 12.72 1.52 4.74
O4' TLO C . 12.81 2.85 4.21
C5' TLO C . 12.50 1.52 6.25
O5' TLO C . 12.60 0.12 6.63
C5M TLO C . 14.27 6.99 6.76
CD1 TLO C . 7.34 -3.87 5.34
CD2 TLO C . 9.39 -2.91 4.48
CE1 TLO C . 7.36 -4.83 4.32
CE2 TLO C . 9.40 -3.87 3.46
C1 EDO D . -18.13 16.20 -6.77
O1 EDO D . -18.17 15.30 -5.69
C2 EDO D . -19.16 15.65 -7.71
O2 EDO D . -19.27 16.40 -8.95
#